data_6A4H
#
_entry.id   6A4H
#
_cell.length_a   138.829
_cell.length_b   138.829
_cell.length_c   107.523
_cell.angle_alpha   90.00
_cell.angle_beta   90.00
_cell.angle_gamma   90.00
#
_symmetry.space_group_name_H-M   'I 4 2 2'
#
loop_
_entity.id
_entity.type
_entity.pdbx_description
1 polymer '4-hydroxymandelate oxidase'
2 non-polymer '[(2~{R},3~{S},4~{S})-5-[(4~{a}~{S})-4~{a}-(dioxidanyl)-7,8-dimethyl-2,4-bis(oxidanylidene)-5~{H}-benzo[g]pteridin-10-yl]-2,3,4-tris(oxidanyl)pentyl] dihydrogen phosphate'
3 water water
#
_entity_poly.entity_id   1
_entity_poly.type   'polypeptide(L)'
_entity_poly.pdbx_seq_one_letter_code
;MGSSHHHHHHSSGLVPRGSHMTYVSLADLERAARDVLPGEIFDFLAGGSGTEASLVANRTALERVFVIPRMLRDLTDVTT
EIDIFGRRAALPMAVAPVAYQRLFHPEGELAVARAARDAGVPYTICTLSSVSLEEIAAVGGRPWFQLFWLRDEKRSLDLV
RRAEDAGCEAIVFTVDVPWMGRRLRDMRNGFALPEWVTAANFDAGTAAHRRTQGVSAVADHTAREFAPATWESVEAVRAH
TDLPVVLKGILAVEDARRAVDAGAGGIVVSNHGGRQLDGAVPGIEMLGEIVAAVSGGCEVLVDGGIRSGGDVLKATALGA
SAVLVGRPVMWALAAAGQDGVRQLLELLAEEVRDAMGLAGCESVGAARRLNTKLGVV
;
_entity_poly.pdbx_strand_id   A
#
# COMPACT_ATOMS: atom_id res chain seq x y z
N LEU A 26 -15.19 -7.57 -4.85
CA LEU A 26 -14.21 -7.87 -3.82
C LEU A 26 -14.90 -8.22 -2.50
N ALA A 27 -16.16 -7.81 -2.37
CA ALA A 27 -16.91 -8.13 -1.16
C ALA A 27 -17.15 -9.63 -1.03
N ASP A 28 -17.22 -10.34 -2.17
CA ASP A 28 -17.46 -11.78 -2.15
C ASP A 28 -16.42 -12.49 -1.30
N LEU A 29 -15.14 -12.27 -1.60
CA LEU A 29 -14.06 -13.02 -0.99
C LEU A 29 -13.83 -12.66 0.48
N GLU A 30 -14.23 -11.47 0.93
CA GLU A 30 -14.11 -11.20 2.35
C GLU A 30 -15.00 -12.12 3.15
N ARG A 31 -16.19 -12.44 2.62
CA ARG A 31 -17.02 -13.47 3.23
C ARG A 31 -16.26 -14.79 3.29
N ALA A 32 -15.62 -15.18 2.18
CA ALA A 32 -14.85 -16.43 2.16
C ALA A 32 -13.67 -16.39 3.13
N ALA A 33 -13.06 -15.21 3.31
CA ALA A 33 -11.91 -15.11 4.20
C ALA A 33 -12.34 -15.20 5.66
N ARG A 34 -13.49 -14.64 6.00
CA ARG A 34 -13.96 -14.72 7.38
C ARG A 34 -14.24 -16.15 7.80
N ASP A 35 -14.81 -16.95 6.88
CA ASP A 35 -15.18 -18.32 7.21
C ASP A 35 -13.95 -19.18 7.49
N VAL A 36 -12.91 -19.07 6.66
CA VAL A 36 -11.75 -19.93 6.82
C VAL A 36 -10.74 -19.38 7.84
N LEU A 37 -10.78 -18.06 8.14
CA LEU A 37 -9.74 -17.60 9.05
C LEU A 37 -10.17 -17.77 10.50
N PRO A 38 -9.20 -18.03 11.38
CA PRO A 38 -9.47 -17.93 12.81
C PRO A 38 -10.05 -16.56 13.13
N GLY A 39 -11.15 -16.55 13.89
CA GLY A 39 -11.89 -15.32 14.12
C GLY A 39 -11.04 -14.18 14.66
N GLU A 40 -9.99 -14.49 15.42
CA GLU A 40 -9.10 -13.46 15.93
C GLU A 40 -7.99 -13.10 14.95
N ILE A 41 -7.64 -14.00 14.03
CA ILE A 41 -6.72 -13.62 12.96
C ILE A 41 -7.40 -12.66 12.01
N PHE A 42 -8.67 -12.94 11.66
CA PHE A 42 -9.43 -12.04 10.82
C PHE A 42 -9.52 -10.64 11.42
N ASP A 43 -9.74 -10.55 12.74
CA ASP A 43 -9.86 -9.24 13.37
C ASP A 43 -8.53 -8.52 13.43
N PHE A 44 -7.42 -9.25 13.60
CA PHE A 44 -6.11 -8.63 13.46
C PHE A 44 -5.96 -8.02 12.08
N LEU A 45 -6.51 -8.67 11.06
CA LEU A 45 -6.42 -8.16 9.70
C LEU A 45 -7.36 -6.98 9.49
N ALA A 46 -8.59 -7.07 9.97
CA ALA A 46 -9.61 -6.10 9.63
C ALA A 46 -9.61 -4.87 10.51
N GLY A 47 -9.01 -4.95 11.70
CA GLY A 47 -9.25 -3.96 12.73
C GLY A 47 -8.48 -2.65 12.54
N GLY A 48 -8.94 -1.64 13.27
CA GLY A 48 -8.25 -0.38 13.36
C GLY A 48 -7.89 -0.07 14.80
N SER A 49 -7.43 1.14 15.06
CA SER A 49 -7.12 1.54 16.42
C SER A 49 -8.31 2.24 17.05
N GLY A 50 -8.31 2.30 18.38
CA GLY A 50 -9.35 3.02 19.11
C GLY A 50 -10.75 2.63 18.68
N THR A 51 -11.59 3.64 18.47
CA THR A 51 -12.96 3.45 18.01
C THR A 51 -13.05 3.12 16.52
N GLU A 52 -11.90 2.97 15.84
CA GLU A 52 -11.83 2.69 14.41
C GLU A 52 -12.55 3.77 13.59
N ALA A 53 -12.49 5.01 14.07
CA ALA A 53 -13.10 6.13 13.35
C ALA A 53 -12.39 6.38 12.03
N SER A 54 -11.05 6.26 12.01
CA SER A 54 -10.30 6.48 10.79
C SER A 54 -10.41 5.32 9.82
N LEU A 55 -10.58 4.09 10.32
CA LEU A 55 -10.82 2.94 9.44
C LEU A 55 -12.10 3.12 8.64
N VAL A 56 -13.17 3.50 9.33
CA VAL A 56 -14.45 3.73 8.65
C VAL A 56 -14.34 4.94 7.72
N ALA A 57 -13.62 5.98 8.16
CA ALA A 57 -13.58 7.21 7.39
C ALA A 57 -12.87 7.03 6.06
N ASN A 58 -11.91 6.10 5.98
CA ASN A 58 -11.29 5.81 4.69
C ASN A 58 -12.33 5.41 3.67
N ARG A 59 -13.31 4.60 4.07
CA ARG A 59 -14.35 4.18 3.15
C ARG A 59 -15.33 5.31 2.86
N THR A 60 -15.78 6.02 3.90
CA THR A 60 -16.73 7.11 3.66
C THR A 60 -16.10 8.18 2.77
N ALA A 61 -14.80 8.44 2.94
CA ALA A 61 -14.11 9.40 2.11
C ALA A 61 -14.17 9.01 0.64
N LEU A 62 -13.93 7.73 0.33
CA LEU A 62 -13.97 7.29 -1.05
C LEU A 62 -15.39 7.34 -1.62
N GLU A 63 -16.38 7.00 -0.78
CA GLU A 63 -17.75 6.95 -1.26
C GLU A 63 -18.33 8.34 -1.52
N ARG A 64 -17.81 9.36 -0.85
CA ARG A 64 -18.21 10.75 -1.11
C ARG A 64 -17.67 11.28 -2.44
N VAL A 65 -16.67 10.63 -3.02
CA VAL A 65 -16.03 11.13 -4.24
C VAL A 65 -16.82 10.67 -5.45
N PHE A 66 -17.21 11.61 -6.29
CA PHE A 66 -17.85 11.27 -7.56
C PHE A 66 -16.96 11.76 -8.69
N VAL A 67 -16.87 10.97 -9.75
CA VAL A 67 -16.02 11.27 -10.89
C VAL A 67 -16.89 11.94 -11.95
N ILE A 68 -16.33 12.95 -12.63
CA ILE A 68 -17.02 13.54 -13.77
C ILE A 68 -16.44 12.91 -15.03
N PRO A 69 -17.10 11.92 -15.63
CA PRO A 69 -16.49 11.24 -16.77
C PRO A 69 -16.50 12.12 -18.01
N ARG A 70 -15.56 11.83 -18.91
CA ARG A 70 -15.46 12.47 -20.20
C ARG A 70 -15.96 11.51 -21.26
N MET A 71 -16.55 12.05 -22.31
CA MET A 71 -17.19 11.25 -23.34
C MET A 71 -16.48 11.43 -24.66
N LEU A 72 -16.67 10.43 -25.54
CA LEU A 72 -16.40 10.57 -26.96
C LEU A 72 -14.91 10.73 -27.27
N ARG A 73 -14.05 10.26 -26.39
CA ARG A 73 -12.63 10.28 -26.70
C ARG A 73 -12.19 8.94 -27.26
N ASP A 74 -11.12 8.99 -28.06
CA ASP A 74 -10.57 7.78 -28.66
C ASP A 74 -10.08 6.83 -27.56
N LEU A 75 -10.65 5.63 -27.56
CA LEU A 75 -10.23 4.59 -26.62
C LEU A 75 -9.55 3.42 -27.33
N THR A 76 -8.95 3.68 -28.49
CA THR A 76 -8.30 2.62 -29.28
C THR A 76 -7.45 1.70 -28.42
N ASP A 77 -6.54 2.29 -27.63
CA ASP A 77 -5.58 1.54 -26.84
C ASP A 77 -5.65 2.00 -25.39
N VAL A 78 -6.77 1.70 -24.72
CA VAL A 78 -6.83 1.96 -23.28
C VAL A 78 -5.75 1.13 -22.61
N THR A 79 -4.84 1.80 -21.90
CA THR A 79 -3.80 1.12 -21.17
C THR A 79 -3.81 1.59 -19.72
N THR A 80 -3.73 0.63 -18.80
CA THR A 80 -3.66 0.92 -17.37
C THR A 80 -2.23 0.98 -16.86
N GLU A 81 -1.25 0.98 -17.74
CA GLU A 81 0.14 0.92 -17.30
C GLU A 81 0.63 2.29 -16.84
N ILE A 82 1.55 2.27 -15.89
CA ILE A 82 2.21 3.47 -15.42
C ILE A 82 3.71 3.17 -15.34
N ASP A 83 4.51 4.22 -15.42
CA ASP A 83 5.91 4.16 -15.02
C ASP A 83 6.04 4.74 -13.63
N ILE A 84 6.72 4.02 -12.75
CA ILE A 84 6.94 4.52 -11.39
C ILE A 84 8.30 4.00 -10.93
N PHE A 85 9.13 4.90 -10.40
CA PHE A 85 10.49 4.55 -10.00
C PHE A 85 11.25 3.87 -11.14
N GLY A 86 11.10 4.42 -12.34
CA GLY A 86 11.83 3.96 -13.52
C GLY A 86 11.36 2.66 -14.12
N ARG A 87 10.33 2.02 -13.57
CA ARG A 87 9.87 0.72 -14.04
C ARG A 87 8.40 0.80 -14.42
N ARG A 88 8.02 0.02 -15.42
CA ARG A 88 6.63 -0.06 -15.80
C ARG A 88 5.88 -0.99 -14.85
N ALA A 89 4.64 -0.64 -14.56
CA ALA A 89 3.73 -1.48 -13.81
C ALA A 89 2.47 -1.65 -14.65
N ALA A 90 1.84 -2.83 -14.53
CA ALA A 90 0.66 -3.13 -15.33
C ALA A 90 -0.54 -2.29 -14.94
N LEU A 91 -0.58 -1.82 -13.69
CA LEU A 91 -1.71 -1.13 -13.08
C LEU A 91 -1.18 -0.03 -12.20
N PRO A 92 -1.96 1.03 -11.98
CA PRO A 92 -1.54 2.02 -10.97
C PRO A 92 -1.74 1.51 -9.56
N MET A 93 -1.01 0.46 -9.20
CA MET A 93 -1.29 -0.26 -7.97
C MET A 93 -0.08 -1.10 -7.55
N ALA A 94 0.10 -1.23 -6.24
CA ALA A 94 1.08 -2.13 -5.67
C ALA A 94 0.46 -2.80 -4.45
N VAL A 95 0.99 -3.96 -4.08
CA VAL A 95 0.52 -4.64 -2.88
C VAL A 95 1.10 -3.93 -1.67
N ALA A 96 0.23 -3.57 -0.73
CA ALA A 96 0.66 -2.84 0.45
C ALA A 96 1.43 -3.76 1.38
N PRO A 97 2.37 -3.21 2.17
CA PRO A 97 3.05 -4.02 3.18
C PRO A 97 2.08 -4.49 4.25
N VAL A 98 1.99 -5.81 4.42
CA VAL A 98 1.18 -6.43 5.47
C VAL A 98 2.03 -7.50 6.13
N ALA A 99 2.22 -7.39 7.44
CA ALA A 99 3.15 -8.25 8.15
C ALA A 99 2.57 -9.66 8.32
N TYR A 100 3.48 -10.63 8.39
CA TYR A 100 3.16 -11.99 8.81
C TYR A 100 2.07 -12.60 7.92
N GLN A 101 2.38 -12.72 6.63
CA GLN A 101 1.39 -13.21 5.68
C GLN A 101 1.17 -14.72 5.78
N ARG A 102 2.03 -15.44 6.49
CA ARG A 102 1.74 -16.84 6.79
C ARG A 102 0.65 -16.97 7.86
N LEU A 103 0.25 -15.88 8.50
CA LEU A 103 -0.94 -15.90 9.34
C LEU A 103 -2.20 -16.18 8.54
N PHE A 104 -2.17 -15.95 7.22
CA PHE A 104 -3.36 -16.07 6.39
C PHE A 104 -3.36 -17.27 5.48
N HIS A 105 -2.19 -17.84 5.20
CA HIS A 105 -2.08 -18.97 4.27
C HIS A 105 -0.68 -19.56 4.41
N PRO A 106 -0.54 -20.88 4.30
CA PRO A 106 0.79 -21.51 4.50
C PRO A 106 1.90 -20.95 3.63
N GLU A 107 1.61 -20.61 2.36
CA GLU A 107 2.64 -20.07 1.48
C GLU A 107 2.93 -18.59 1.73
N GLY A 108 2.02 -17.88 2.39
CA GLY A 108 2.31 -16.52 2.85
C GLY A 108 2.81 -15.61 1.76
N GLU A 109 3.91 -14.91 2.05
CA GLU A 109 4.40 -13.85 1.17
C GLU A 109 4.81 -14.38 -0.20
N LEU A 110 5.33 -15.61 -0.26
CA LEU A 110 5.73 -16.16 -1.55
C LEU A 110 4.53 -16.30 -2.47
N ALA A 111 3.38 -16.70 -1.92
CA ALA A 111 2.18 -16.79 -2.74
C ALA A 111 1.78 -15.43 -3.29
N VAL A 112 1.79 -14.39 -2.43
CA VAL A 112 1.37 -13.07 -2.89
C VAL A 112 2.39 -12.50 -3.86
N ALA A 113 3.68 -12.66 -3.57
CA ALA A 113 4.72 -12.10 -4.43
C ALA A 113 4.66 -12.72 -5.83
N ARG A 114 4.41 -14.02 -5.90
CA ARG A 114 4.32 -14.67 -7.20
C ARG A 114 3.17 -14.12 -8.03
N ALA A 115 1.98 -14.04 -7.43
CA ALA A 115 0.84 -13.51 -8.14
C ALA A 115 1.03 -12.04 -8.53
N ALA A 116 1.64 -11.25 -7.63
CA ALA A 116 1.91 -9.85 -7.95
C ALA A 116 2.85 -9.75 -9.15
N ARG A 117 3.92 -10.54 -9.13
CA ARG A 117 4.85 -10.58 -10.26
C ARG A 117 4.14 -10.93 -11.56
N ASP A 118 3.32 -11.98 -11.54
CA ASP A 118 2.62 -12.40 -12.75
C ASP A 118 1.62 -11.36 -13.21
N ALA A 119 1.08 -10.57 -12.28
CA ALA A 119 0.15 -9.51 -12.63
C ALA A 119 0.83 -8.22 -13.07
N GLY A 120 2.15 -8.15 -12.99
CA GLY A 120 2.86 -6.92 -13.34
C GLY A 120 2.69 -5.83 -12.30
N VAL A 121 2.44 -6.20 -11.06
CA VAL A 121 2.14 -5.27 -9.96
C VAL A 121 3.26 -5.35 -8.97
N PRO A 122 3.82 -4.23 -8.49
CA PRO A 122 4.85 -4.29 -7.47
C PRO A 122 4.32 -4.85 -6.17
N TYR A 123 5.22 -5.49 -5.42
CA TYR A 123 4.91 -6.14 -4.15
C TYR A 123 5.84 -5.58 -3.08
N THR A 124 5.26 -5.09 -1.99
CA THR A 124 6.07 -4.52 -0.91
C THR A 124 6.39 -5.59 0.12
N ILE A 125 7.67 -5.92 0.24
CA ILE A 125 8.13 -6.85 1.27
C ILE A 125 8.12 -6.14 2.62
N CYS A 126 7.48 -6.75 3.61
CA CYS A 126 7.37 -6.17 4.94
C CYS A 126 8.57 -6.53 5.80
N THR A 127 9.00 -5.56 6.64
CA THR A 127 10.09 -5.82 7.60
C THR A 127 9.75 -7.01 8.50
N LEU A 128 8.49 -7.14 8.87
CA LEU A 128 8.00 -8.28 9.67
C LEU A 128 7.39 -9.35 8.78
N SER A 129 8.06 -9.73 7.69
CA SER A 129 7.57 -10.79 6.83
C SER A 129 7.84 -12.15 7.48
N SER A 130 6.89 -13.08 7.30
CA SER A 130 7.08 -14.44 7.81
C SER A 130 7.93 -15.30 6.88
N VAL A 131 8.51 -14.70 5.84
CA VAL A 131 9.51 -15.32 4.98
C VAL A 131 10.57 -14.26 4.71
N SER A 132 11.83 -14.66 4.72
CA SER A 132 12.92 -13.70 4.58
C SER A 132 12.76 -12.89 3.30
N LEU A 133 13.32 -11.66 3.31
CA LEU A 133 13.14 -10.77 2.18
C LEU A 133 13.91 -11.25 0.96
N GLU A 134 15.07 -11.89 1.17
CA GLU A 134 15.84 -12.39 0.03
C GLU A 134 15.07 -13.46 -0.73
N GLU A 135 14.31 -14.30 -0.02
CA GLU A 135 13.50 -15.31 -0.66
C GLU A 135 12.37 -14.67 -1.48
N ILE A 136 11.64 -13.74 -0.86
CA ILE A 136 10.57 -13.05 -1.58
C ILE A 136 11.14 -12.33 -2.80
N ALA A 137 12.27 -11.65 -2.63
CA ALA A 137 12.89 -10.96 -3.75
C ALA A 137 13.25 -11.92 -4.87
N ALA A 138 13.66 -13.14 -4.53
CA ALA A 138 14.09 -14.10 -5.55
C ALA A 138 12.94 -14.50 -6.46
N VAL A 139 11.71 -14.45 -5.95
CA VAL A 139 10.53 -14.65 -6.79
C VAL A 139 10.57 -13.76 -8.03
N GLY A 140 11.28 -12.64 -7.95
CA GLY A 140 11.40 -11.75 -9.09
C GLY A 140 10.27 -10.74 -9.12
N GLY A 141 9.85 -10.32 -10.30
CA GLY A 141 8.80 -9.32 -10.39
C GLY A 141 9.14 -8.01 -9.70
N ARG A 142 10.42 -7.76 -9.48
CA ARG A 142 10.99 -6.54 -8.90
C ARG A 142 10.16 -5.99 -7.74
N PRO A 143 10.52 -6.31 -6.49
CA PRO A 143 9.70 -5.91 -5.34
C PRO A 143 10.24 -4.67 -4.63
N TRP A 144 9.45 -4.18 -3.68
CA TRP A 144 9.77 -3.07 -2.80
C TRP A 144 9.99 -3.60 -1.40
N PHE A 145 10.70 -2.83 -0.58
CA PHE A 145 10.94 -3.21 0.80
C PHE A 145 10.46 -2.13 1.74
N GLN A 146 9.56 -2.50 2.66
CA GLN A 146 9.09 -1.62 3.71
C GLN A 146 9.99 -1.73 4.93
N LEU A 147 10.50 -0.59 5.38
CA LEU A 147 11.42 -0.52 6.51
C LEU A 147 10.71 0.03 7.73
N PHE A 148 10.82 -0.69 8.84
CA PHE A 148 10.55 -0.16 10.18
C PHE A 148 11.88 0.24 10.79
N TRP A 149 11.96 1.46 11.32
CA TRP A 149 13.18 1.89 11.97
C TRP A 149 13.42 1.07 13.23
N LEU A 150 14.63 0.58 13.41
CA LEU A 150 14.94 -0.32 14.49
C LEU A 150 15.77 0.36 15.57
N ARG A 151 15.79 -0.29 16.75
CA ARG A 151 16.95 -0.36 17.65
C ARG A 151 17.98 0.72 17.40
N ASP A 152 18.95 0.35 16.58
CA ASP A 152 20.10 1.17 16.25
C ASP A 152 20.05 1.51 14.77
N GLU A 153 20.66 2.65 14.45
CA GLU A 153 20.75 3.05 13.06
C GLU A 153 21.38 1.96 12.18
N LYS A 154 22.43 1.31 12.69
CA LYS A 154 23.21 0.44 11.80
C LYS A 154 22.50 -0.87 11.49
N ARG A 155 21.64 -1.38 12.38
CA ARG A 155 20.79 -2.51 12.02
C ARG A 155 19.75 -2.10 10.96
N SER A 156 19.16 -0.93 11.12
CA SER A 156 18.19 -0.47 10.12
C SER A 156 18.85 -0.32 8.76
N LEU A 157 20.04 0.28 8.73
CA LEU A 157 20.74 0.51 7.47
C LEU A 157 21.21 -0.80 6.85
N ASP A 158 21.53 -1.81 7.66
CA ASP A 158 21.90 -3.10 7.10
C ASP A 158 20.69 -3.77 6.47
N LEU A 159 19.53 -3.66 7.12
CA LEU A 159 18.29 -4.13 6.52
C LEU A 159 18.04 -3.45 5.19
N VAL A 160 18.32 -2.14 5.11
CA VAL A 160 18.21 -1.44 3.83
C VAL A 160 19.19 -2.04 2.82
N ARG A 161 20.43 -2.25 3.23
CA ARG A 161 21.43 -2.80 2.32
C ARG A 161 21.05 -4.22 1.86
N ARG A 162 20.50 -5.03 2.78
CA ARG A 162 20.02 -6.35 2.38
C ARG A 162 18.98 -6.24 1.28
N ALA A 163 17.99 -5.37 1.48
CA ALA A 163 16.94 -5.19 0.47
C ALA A 163 17.54 -4.76 -0.85
N GLU A 164 18.50 -3.85 -0.83
CA GLU A 164 19.06 -3.37 -2.09
C GLU A 164 19.92 -4.45 -2.74
N ASP A 165 20.70 -5.18 -1.94
CA ASP A 165 21.50 -6.28 -2.47
C ASP A 165 20.60 -7.34 -3.11
N ALA A 166 19.41 -7.54 -2.55
CA ALA A 166 18.44 -8.51 -3.02
C ALA A 166 17.68 -8.06 -4.26
N GLY A 167 17.96 -6.88 -4.79
CA GLY A 167 17.26 -6.41 -5.97
C GLY A 167 15.94 -5.71 -5.71
N CYS A 168 15.63 -5.36 -4.48
CA CYS A 168 14.44 -4.55 -4.23
C CYS A 168 14.59 -3.19 -4.93
N GLU A 169 13.48 -2.66 -5.41
CA GLU A 169 13.50 -1.44 -6.22
C GLU A 169 13.25 -0.16 -5.44
N ALA A 170 12.70 -0.24 -4.24
CA ALA A 170 12.38 0.97 -3.51
C ALA A 170 12.35 0.64 -2.04
N ILE A 171 12.73 1.60 -1.23
CA ILE A 171 12.63 1.49 0.22
C ILE A 171 11.38 2.27 0.62
N VAL A 172 10.38 1.56 1.12
CA VAL A 172 9.15 2.17 1.60
C VAL A 172 9.34 2.38 3.09
N PHE A 173 9.79 3.57 3.47
CA PHE A 173 10.06 3.87 4.88
C PHE A 173 8.75 4.22 5.57
N THR A 174 8.31 3.36 6.48
CA THR A 174 7.08 3.63 7.21
C THR A 174 7.35 4.66 8.31
N VAL A 175 6.69 5.81 8.21
CA VAL A 175 7.01 6.96 9.06
C VAL A 175 5.92 7.27 10.06
N ASP A 176 4.81 6.54 10.03
CA ASP A 176 3.69 6.82 10.93
C ASP A 176 3.59 5.81 12.06
N VAL A 177 4.64 5.03 12.29
CA VAL A 177 4.66 4.10 13.41
C VAL A 177 5.89 4.39 14.27
N PRO A 178 5.90 5.46 15.07
CA PRO A 178 6.87 5.53 16.17
C PRO A 178 6.65 4.42 17.16
N TRP A 179 5.40 3.97 17.29
CA TRP A 179 5.02 2.77 18.03
C TRP A 179 3.65 2.36 17.51
N MET A 180 3.25 1.14 17.86
CA MET A 180 1.97 0.63 17.37
C MET A 180 0.82 1.37 18.04
N GLY A 181 -0.16 1.78 17.23
CA GLY A 181 -1.41 2.26 17.78
C GLY A 181 -2.13 1.18 18.57
N ARG A 182 -3.03 1.61 19.44
CA ARG A 182 -3.72 0.69 20.34
C ARG A 182 -4.87 0.01 19.60
N ARG A 183 -4.69 -1.26 19.25
CA ARG A 183 -5.72 -2.05 18.59
C ARG A 183 -6.64 -2.62 19.67
N LEU A 184 -7.83 -2.04 19.82
CA LEU A 184 -8.75 -2.53 20.84
C LEU A 184 -9.29 -3.92 20.50
N ARG A 185 -9.23 -4.33 19.22
CA ARG A 185 -9.59 -5.70 18.87
C ARG A 185 -8.57 -6.70 19.39
N ASP A 186 -7.28 -6.32 19.42
CA ASP A 186 -6.23 -7.25 19.82
C ASP A 186 -6.06 -7.34 21.33
N MET A 187 -6.33 -6.25 22.05
CA MET A 187 -6.28 -6.30 23.52
C MET A 187 -7.43 -7.13 24.07
N ARG A 188 -8.62 -6.99 23.47
CA ARG A 188 -9.80 -7.75 23.87
C ARG A 188 -9.78 -9.18 23.37
N ASN A 189 -8.92 -9.51 22.41
CA ASN A 189 -8.72 -10.89 21.97
C ASN A 189 -7.54 -11.57 22.64
N GLY A 190 -6.66 -10.81 23.29
CA GLY A 190 -5.40 -11.38 23.72
C GLY A 190 -4.56 -11.94 22.60
N PHE A 191 -4.77 -11.44 21.37
CA PHE A 191 -4.12 -12.02 20.20
C PHE A 191 -2.61 -11.92 20.30
N ALA A 192 -1.94 -13.01 19.95
CA ALA A 192 -0.49 -13.07 19.95
C ALA A 192 -0.05 -13.98 18.81
N LEU A 193 1.19 -13.77 18.37
CA LEU A 193 1.72 -14.54 17.26
C LEU A 193 1.73 -16.02 17.59
N PRO A 194 1.11 -16.87 16.77
CA PRO A 194 1.25 -18.32 16.95
C PRO A 194 2.70 -18.74 16.83
N GLU A 195 2.96 -20.00 17.22
CA GLU A 195 4.32 -20.51 17.23
C GLU A 195 4.88 -20.74 15.83
N TRP A 196 4.01 -20.93 14.83
CA TRP A 196 4.44 -21.25 13.48
C TRP A 196 4.67 -20.02 12.61
N VAL A 197 4.50 -18.81 13.13
CA VAL A 197 4.71 -17.57 12.39
C VAL A 197 5.90 -16.83 13.02
N THR A 198 6.91 -16.57 12.20
CA THR A 198 8.17 -15.98 12.64
C THR A 198 8.44 -14.66 11.91
N ALA A 199 9.28 -13.82 12.52
CA ALA A 199 9.79 -12.63 11.86
C ALA A 199 11.08 -13.02 11.13
N ALA A 200 10.89 -13.63 9.95
CA ALA A 200 11.96 -14.34 9.27
C ALA A 200 13.14 -13.45 8.91
N ASN A 201 12.98 -12.12 8.93
CA ASN A 201 14.11 -11.28 8.60
C ASN A 201 15.08 -11.10 9.75
N PHE A 202 14.72 -11.57 10.96
CA PHE A 202 15.53 -11.39 12.16
C PHE A 202 15.96 -12.73 12.73
N ASP A 203 16.75 -12.67 13.80
CA ASP A 203 17.26 -13.86 14.48
C ASP A 203 16.96 -13.79 15.98
N PHE A 226 12.90 -1.87 18.08
CA PHE A 226 12.36 -0.82 17.24
C PHE A 226 12.56 0.55 17.88
N ALA A 227 12.21 1.60 17.15
CA ALA A 227 12.41 2.97 17.62
C ALA A 227 11.63 3.91 16.70
N PRO A 228 11.27 5.10 17.19
CA PRO A 228 10.62 6.08 16.32
C PRO A 228 11.58 6.63 15.27
N ALA A 229 11.09 6.72 14.03
CA ALA A 229 11.87 7.30 12.95
C ALA A 229 11.67 8.82 12.92
N THR A 230 12.76 9.55 12.68
CA THR A 230 12.75 11.00 12.53
C THR A 230 13.23 11.38 11.14
N TRP A 231 13.23 12.69 10.85
CA TRP A 231 13.79 13.16 9.58
C TRP A 231 15.27 12.83 9.49
N GLU A 232 15.98 12.74 10.62
CA GLU A 232 17.36 12.30 10.59
CA GLU A 232 17.36 12.30 10.60
C GLU A 232 17.47 10.86 10.14
N SER A 233 16.56 9.99 10.61
CA SER A 233 16.53 8.61 10.13
C SER A 233 16.31 8.56 8.62
N VAL A 234 15.40 9.40 8.12
CA VAL A 234 15.14 9.47 6.68
C VAL A 234 16.42 9.84 5.93
N GLU A 235 17.14 10.84 6.42
CA GLU A 235 18.37 11.23 5.74
C GLU A 235 19.40 10.11 5.79
N ALA A 236 19.46 9.37 6.90
CA ALA A 236 20.38 8.24 7.00
C ALA A 236 20.10 7.19 5.94
N VAL A 237 18.83 6.79 5.79
CA VAL A 237 18.44 5.87 4.73
C VAL A 237 18.84 6.44 3.37
N ARG A 238 18.42 7.69 3.10
CA ARG A 238 18.65 8.28 1.79
C ARG A 238 20.13 8.29 1.44
N ALA A 239 20.98 8.56 2.43
CA ALA A 239 22.43 8.58 2.20
C ALA A 239 22.99 7.18 2.00
N HIS A 240 22.31 6.14 2.47
CA HIS A 240 22.81 4.78 2.44
C HIS A 240 22.35 3.99 1.22
N THR A 241 21.53 4.58 0.36
CA THR A 241 20.96 3.80 -0.73
C THR A 241 20.82 4.65 -1.98
N ASP A 242 20.96 4.00 -3.13
CA ASP A 242 20.62 4.63 -4.40
C ASP A 242 19.17 4.37 -4.78
N LEU A 243 18.45 3.55 -4.02
CA LEU A 243 17.06 3.27 -4.33
C LEU A 243 16.19 4.47 -3.94
N PRO A 244 15.08 4.68 -4.64
CA PRO A 244 14.15 5.72 -4.20
C PRO A 244 13.59 5.38 -2.83
N VAL A 245 13.54 6.39 -1.98
CA VAL A 245 12.96 6.27 -0.66
C VAL A 245 11.54 6.83 -0.69
N VAL A 246 10.59 6.04 -0.21
CA VAL A 246 9.18 6.36 -0.26
C VAL A 246 8.67 6.41 1.17
N LEU A 247 8.20 7.58 1.60
CA LEU A 247 7.75 7.76 2.97
C LEU A 247 6.28 7.39 3.06
N LYS A 248 5.97 6.37 3.87
CA LYS A 248 4.62 5.84 3.96
C LYS A 248 3.98 6.31 5.26
N GLY A 249 2.83 6.97 5.16
CA GLY A 249 2.15 7.51 6.33
C GLY A 249 2.18 9.02 6.41
N ILE A 250 2.26 9.71 5.27
CA ILE A 250 2.27 11.17 5.24
C ILE A 250 0.83 11.66 5.13
N LEU A 251 0.42 12.55 6.04
CA LEU A 251 -0.91 13.15 5.98
C LEU A 251 -0.91 14.67 5.97
N ALA A 252 0.14 15.32 6.45
CA ALA A 252 0.21 16.78 6.51
C ALA A 252 0.87 17.33 5.26
N VAL A 253 0.27 18.38 4.71
CA VAL A 253 0.77 18.98 3.49
C VAL A 253 2.23 19.38 3.65
N GLU A 254 2.59 19.95 4.80
CA GLU A 254 3.98 20.33 4.93
C GLU A 254 4.89 19.12 5.17
N ASP A 255 4.36 18.00 5.66
CA ASP A 255 5.21 16.81 5.70
C ASP A 255 5.49 16.31 4.29
N ALA A 256 4.51 16.43 3.39
CA ALA A 256 4.71 16.07 1.99
C ALA A 256 5.75 16.97 1.32
N ARG A 257 5.69 18.28 1.58
CA ARG A 257 6.68 19.19 1.01
C ARG A 257 8.06 18.88 1.55
N ARG A 258 8.14 18.69 2.86
CA ARG A 258 9.43 18.37 3.46
C ARG A 258 9.96 17.03 2.93
N ALA A 259 9.07 16.07 2.68
CA ALA A 259 9.50 14.80 2.10
C ALA A 259 10.22 15.01 0.78
N VAL A 260 9.68 15.88 -0.08
CA VAL A 260 10.36 16.18 -1.33
C VAL A 260 11.69 16.86 -1.06
N ASP A 261 11.69 17.86 -0.16
CA ASP A 261 12.93 18.53 0.21
C ASP A 261 13.95 17.54 0.76
N ALA A 262 13.48 16.55 1.51
CA ALA A 262 14.37 15.56 2.10
C ALA A 262 14.91 14.56 1.08
N GLY A 263 14.52 14.66 -0.18
CA GLY A 263 15.01 13.76 -1.21
C GLY A 263 14.19 12.50 -1.41
N ALA A 264 13.00 12.41 -0.83
CA ALA A 264 12.17 11.23 -1.03
C ALA A 264 11.78 11.10 -2.50
N GLY A 265 11.78 9.86 -2.99
CA GLY A 265 11.29 9.63 -4.34
C GLY A 265 9.78 9.51 -4.41
N GLY A 266 9.13 9.30 -3.28
CA GLY A 266 7.69 9.18 -3.27
C GLY A 266 7.18 9.30 -1.86
N ILE A 267 5.87 9.47 -1.75
CA ILE A 267 5.22 9.36 -0.46
C ILE A 267 3.97 8.52 -0.65
N VAL A 268 3.52 7.90 0.43
CA VAL A 268 2.22 7.25 0.45
C VAL A 268 1.35 8.02 1.42
N VAL A 269 0.30 8.64 0.90
CA VAL A 269 -0.63 9.40 1.72
C VAL A 269 -1.57 8.38 2.35
N SER A 270 -1.48 8.25 3.66
CA SER A 270 -2.00 7.06 4.32
C SER A 270 -2.16 7.35 5.80
N ASN A 271 -3.28 6.93 6.38
CA ASN A 271 -3.40 6.87 7.84
C ASN A 271 -3.24 5.44 8.34
N HIS A 272 -2.49 4.63 7.59
CA HIS A 272 -2.13 3.27 8.00
C HIS A 272 -3.37 2.38 8.12
N GLY A 273 -4.31 2.55 7.17
CA GLY A 273 -5.55 1.79 7.22
C GLY A 273 -6.35 2.01 8.48
N GLY A 274 -6.26 3.20 9.08
CA GLY A 274 -6.95 3.47 10.33
C GLY A 274 -6.40 2.74 11.53
N ARG A 275 -5.15 2.29 11.47
CA ARG A 275 -4.57 1.46 12.52
C ARG A 275 -3.62 2.20 13.43
N GLN A 276 -3.26 3.45 13.10
CA GLN A 276 -2.36 4.22 13.95
C GLN A 276 -3.17 5.24 14.75
N LEU A 277 -3.02 6.53 14.47
CA LEU A 277 -3.80 7.51 15.21
C LEU A 277 -5.28 7.36 14.87
N ASP A 278 -6.09 7.02 15.88
CA ASP A 278 -7.54 7.00 15.71
C ASP A 278 -8.06 8.42 15.67
N GLY A 279 -8.75 8.79 14.59
CA GLY A 279 -9.10 10.17 14.34
C GLY A 279 -8.15 10.90 13.42
N ALA A 280 -7.09 10.24 12.97
CA ALA A 280 -6.30 10.80 11.88
C ALA A 280 -7.18 10.94 10.64
N VAL A 281 -7.03 12.07 9.95
CA VAL A 281 -7.70 12.33 8.68
C VAL A 281 -7.43 11.19 7.70
N PRO A 282 -8.41 10.79 6.88
CA PRO A 282 -8.12 9.81 5.83
C PRO A 282 -7.17 10.38 4.79
N GLY A 283 -6.31 9.51 4.27
CA GLY A 283 -5.38 9.94 3.23
C GLY A 283 -6.07 10.49 2.01
N ILE A 284 -7.18 9.86 1.60
CA ILE A 284 -7.89 10.32 0.41
C ILE A 284 -8.39 11.74 0.60
N GLU A 285 -8.69 12.14 1.85
CA GLU A 285 -9.14 13.50 2.11
C GLU A 285 -8.01 14.53 2.00
N MET A 286 -6.75 14.12 2.17
CA MET A 286 -5.60 15.02 2.04
C MET A 286 -4.92 14.92 0.68
N LEU A 287 -5.33 13.97 -0.16
CA LEU A 287 -4.58 13.64 -1.37
C LEU A 287 -4.47 14.82 -2.34
N GLY A 288 -5.59 15.46 -2.66
CA GLY A 288 -5.55 16.51 -3.66
C GLY A 288 -4.70 17.69 -3.22
N GLU A 289 -4.82 18.07 -1.94
CA GLU A 289 -3.99 19.13 -1.40
C GLU A 289 -2.52 18.76 -1.45
N ILE A 290 -2.19 17.53 -1.07
CA ILE A 290 -0.81 17.09 -1.07
C ILE A 290 -0.27 17.03 -2.50
N VAL A 291 -1.10 16.59 -3.45
CA VAL A 291 -0.63 16.54 -4.84
C VAL A 291 -0.29 17.94 -5.35
N ALA A 292 -1.14 18.92 -5.07
CA ALA A 292 -0.85 20.29 -5.48
C ALA A 292 0.42 20.83 -4.82
N ALA A 293 0.62 20.54 -3.53
CA ALA A 293 1.79 21.09 -2.84
C ALA A 293 3.08 20.47 -3.36
N VAL A 294 3.03 19.18 -3.70
CA VAL A 294 4.23 18.49 -4.15
C VAL A 294 4.59 18.91 -5.57
N SER A 295 3.59 19.27 -6.38
CA SER A 295 3.76 19.77 -7.74
C SER A 295 4.73 18.90 -8.54
N GLY A 296 4.44 17.61 -8.59
CA GLY A 296 5.27 16.69 -9.34
C GLY A 296 6.64 16.39 -8.76
N GLY A 297 6.94 16.89 -7.57
CA GLY A 297 8.28 16.72 -7.02
C GLY A 297 8.61 15.29 -6.61
N CYS A 298 7.59 14.47 -6.38
CA CYS A 298 7.79 13.05 -6.12
C CYS A 298 6.50 12.32 -6.47
N GLU A 299 6.58 11.00 -6.49
CA GLU A 299 5.39 10.18 -6.66
C GLU A 299 4.53 10.30 -5.41
N VAL A 300 3.22 10.40 -5.61
CA VAL A 300 2.29 10.48 -4.50
C VAL A 300 1.34 9.31 -4.64
N LEU A 301 1.52 8.33 -3.78
CA LEU A 301 0.61 7.21 -3.69
C LEU A 301 -0.36 7.44 -2.54
N VAL A 302 -1.41 6.64 -2.53
CA VAL A 302 -2.44 6.73 -1.51
C VAL A 302 -2.89 5.31 -1.22
N ASP A 303 -3.31 5.06 0.01
CA ASP A 303 -3.97 3.80 0.31
C ASP A 303 -5.07 4.07 1.32
N GLY A 304 -5.79 3.01 1.67
CA GLY A 304 -6.86 3.12 2.62
C GLY A 304 -8.22 2.93 1.98
N GLY A 305 -8.77 1.73 2.05
CA GLY A 305 -10.11 1.47 1.60
C GLY A 305 -10.28 1.28 0.10
N ILE A 306 -9.20 1.12 -0.65
CA ILE A 306 -9.34 0.82 -2.07
C ILE A 306 -9.93 -0.58 -2.21
N ARG A 307 -11.15 -0.65 -2.76
CA ARG A 307 -11.88 -1.92 -2.83
C ARG A 307 -12.35 -2.28 -4.23
N SER A 308 -11.96 -1.51 -5.25
CA SER A 308 -12.48 -1.72 -6.60
C SER A 308 -11.65 -0.93 -7.58
N GLY A 309 -11.83 -1.24 -8.87
CA GLY A 309 -11.26 -0.41 -9.91
C GLY A 309 -11.83 0.99 -9.92
N GLY A 310 -13.10 1.14 -9.55
CA GLY A 310 -13.66 2.47 -9.42
C GLY A 310 -12.95 3.31 -8.37
N ASP A 311 -12.54 2.67 -7.27
CA ASP A 311 -11.79 3.37 -6.23
C ASP A 311 -10.41 3.78 -6.73
N VAL A 312 -9.77 2.92 -7.53
CA VAL A 312 -8.49 3.29 -8.14
C VAL A 312 -8.66 4.50 -9.02
N LEU A 313 -9.73 4.50 -9.84
CA LEU A 313 -10.03 5.65 -10.68
C LEU A 313 -10.21 6.92 -9.84
N LYS A 314 -10.95 6.81 -8.74
CA LYS A 314 -11.16 7.98 -7.88
C LYS A 314 -9.83 8.48 -7.32
N ALA A 315 -9.01 7.57 -6.82
CA ALA A 315 -7.69 7.93 -6.33
C ALA A 315 -6.86 8.62 -7.41
N THR A 316 -6.84 8.06 -8.62
CA THR A 316 -6.03 8.68 -9.66
C THR A 316 -6.62 10.02 -10.07
N ALA A 317 -7.95 10.15 -10.12
CA ALA A 317 -8.58 11.44 -10.42
C ALA A 317 -8.26 12.50 -9.37
N LEU A 318 -8.08 12.10 -8.10
CA LEU A 318 -7.64 13.02 -7.05
C LEU A 318 -6.16 13.34 -7.14
N GLY A 319 -5.43 12.64 -8.02
CA GLY A 319 -4.05 12.96 -8.30
C GLY A 319 -3.05 11.88 -7.95
N ALA A 320 -3.45 10.76 -7.36
CA ALA A 320 -2.48 9.74 -6.99
C ALA A 320 -1.76 9.18 -8.21
N SER A 321 -0.47 8.86 -8.02
CA SER A 321 0.29 8.11 -9.02
C SER A 321 -0.16 6.66 -9.07
N ALA A 322 -0.46 6.08 -7.91
CA ALA A 322 -0.84 4.69 -7.78
C ALA A 322 -1.45 4.54 -6.40
N VAL A 323 -2.09 3.40 -6.17
CA VAL A 323 -2.63 3.08 -4.87
C VAL A 323 -1.89 1.88 -4.33
N LEU A 324 -1.95 1.72 -3.01
CA LEU A 324 -1.63 0.46 -2.38
C LEU A 324 -2.93 -0.24 -2.01
N VAL A 325 -2.91 -1.57 -2.08
CA VAL A 325 -4.03 -2.41 -1.67
C VAL A 325 -3.52 -3.42 -0.65
N GLY A 326 -4.13 -3.43 0.53
CA GLY A 326 -3.69 -4.29 1.61
C GLY A 326 -4.68 -5.40 1.92
N ARG A 327 -5.67 -5.09 2.75
CA ARG A 327 -6.59 -6.13 3.26
C ARG A 327 -7.19 -7.00 2.16
N PRO A 328 -7.72 -6.46 1.05
CA PRO A 328 -8.29 -7.35 0.01
C PRO A 328 -7.30 -8.37 -0.52
N VAL A 329 -6.02 -8.01 -0.63
CA VAL A 329 -5.04 -8.97 -1.11
C VAL A 329 -4.89 -10.12 -0.12
N MET A 330 -5.05 -9.85 1.17
CA MET A 330 -4.95 -10.90 2.17
C MET A 330 -6.19 -11.80 2.16
N TRP A 331 -7.37 -11.23 1.93
CA TRP A 331 -8.57 -12.06 1.78
C TRP A 331 -8.40 -13.07 0.66
N ALA A 332 -7.94 -12.61 -0.51
CA ALA A 332 -7.72 -13.51 -1.62
C ALA A 332 -6.66 -14.56 -1.29
N LEU A 333 -5.65 -14.16 -0.51
CA LEU A 333 -4.61 -15.11 -0.09
C LEU A 333 -5.17 -16.17 0.83
N ALA A 334 -5.99 -15.76 1.81
CA ALA A 334 -6.53 -16.69 2.77
C ALA A 334 -7.64 -17.55 2.18
N ALA A 335 -8.22 -17.16 1.06
CA ALA A 335 -9.31 -17.91 0.47
C ALA A 335 -8.90 -18.82 -0.67
N ALA A 336 -7.71 -18.64 -1.25
CA ALA A 336 -7.31 -19.47 -2.38
C ALA A 336 -5.83 -19.33 -2.73
N GLY A 337 -5.02 -18.85 -1.79
CA GLY A 337 -3.58 -18.78 -2.02
C GLY A 337 -3.21 -17.98 -3.25
N GLN A 338 -2.08 -18.37 -3.86
CA GLN A 338 -1.53 -17.64 -5.01
C GLN A 338 -2.56 -17.50 -6.12
N ASP A 339 -3.36 -18.54 -6.34
CA ASP A 339 -4.37 -18.47 -7.38
C ASP A 339 -5.45 -17.46 -7.03
N GLY A 340 -5.80 -17.35 -5.75
CA GLY A 340 -6.78 -16.37 -5.34
C GLY A 340 -6.28 -14.95 -5.48
N VAL A 341 -5.02 -14.71 -5.12
CA VAL A 341 -4.43 -13.39 -5.30
C VAL A 341 -4.39 -13.03 -6.78
N ARG A 342 -3.94 -13.96 -7.63
CA ARG A 342 -3.84 -13.69 -9.05
C ARG A 342 -5.20 -13.32 -9.63
N GLN A 343 -6.26 -13.96 -9.13
CA GLN A 343 -7.60 -13.67 -9.65
C GLN A 343 -8.09 -12.32 -9.16
N LEU A 344 -7.80 -11.97 -7.90
CA LEU A 344 -8.10 -10.64 -7.41
C LEU A 344 -7.43 -9.58 -8.28
N LEU A 345 -6.13 -9.73 -8.53
CA LEU A 345 -5.43 -8.78 -9.38
C LEU A 345 -6.01 -8.74 -10.79
N GLU A 346 -6.47 -9.88 -11.30
CA GLU A 346 -7.09 -9.89 -12.62
C GLU A 346 -8.41 -9.13 -12.61
N LEU A 347 -9.25 -9.38 -11.61
CA LEU A 347 -10.50 -8.64 -11.48
C LEU A 347 -10.26 -7.15 -11.28
N LEU A 348 -9.31 -6.80 -10.42
CA LEU A 348 -9.00 -5.38 -10.23
C LEU A 348 -8.51 -4.76 -11.54
N ALA A 349 -7.64 -5.48 -12.25
CA ALA A 349 -7.15 -5.00 -13.54
C ALA A 349 -8.29 -4.76 -14.52
N GLU A 350 -9.26 -5.67 -14.55
CA GLU A 350 -10.40 -5.48 -15.44
C GLU A 350 -11.27 -4.31 -14.98
N GLU A 351 -11.48 -4.18 -13.68
CA GLU A 351 -12.31 -3.08 -13.19
C GLU A 351 -11.66 -1.73 -13.45
N VAL A 352 -10.33 -1.64 -13.28
CA VAL A 352 -9.65 -0.38 -13.58
C VAL A 352 -9.81 -0.02 -15.04
N ARG A 353 -9.60 -1.01 -15.92
CA ARG A 353 -9.71 -0.76 -17.35
C ARG A 353 -11.13 -0.32 -17.72
N ASP A 354 -12.13 -0.99 -17.14
CA ASP A 354 -13.52 -0.63 -17.41
C ASP A 354 -13.83 0.78 -16.93
N ALA A 355 -13.48 1.07 -15.67
CA ALA A 355 -13.75 2.39 -15.13
C ALA A 355 -13.08 3.48 -15.97
N MET A 356 -11.82 3.26 -16.37
CA MET A 356 -11.11 4.27 -17.16
C MET A 356 -11.81 4.53 -18.48
N GLY A 357 -12.26 3.47 -19.17
CA GLY A 357 -12.91 3.67 -20.46
C GLY A 357 -14.23 4.38 -20.33
N LEU A 358 -15.04 4.00 -19.35
CA LEU A 358 -16.31 4.67 -19.13
C LEU A 358 -16.10 6.13 -18.76
N ALA A 359 -14.95 6.46 -18.16
CA ALA A 359 -14.60 7.82 -17.81
C ALA A 359 -13.91 8.56 -18.95
N GLY A 360 -13.73 7.91 -20.10
CA GLY A 360 -13.09 8.56 -21.23
C GLY A 360 -11.59 8.69 -21.14
N CYS A 361 -10.93 7.80 -20.42
CA CYS A 361 -9.49 7.90 -20.20
C CYS A 361 -8.79 6.73 -20.86
N GLU A 362 -7.97 7.05 -21.86
CA GLU A 362 -7.16 6.05 -22.54
C GLU A 362 -5.90 5.70 -21.76
N SER A 363 -5.49 6.55 -20.81
CA SER A 363 -4.27 6.37 -20.04
C SER A 363 -4.49 6.81 -18.60
N VAL A 364 -3.64 6.35 -17.70
CA VAL A 364 -3.77 6.78 -16.31
C VAL A 364 -3.54 8.27 -16.21
N GLY A 365 -2.66 8.81 -17.07
CA GLY A 365 -2.45 10.25 -17.09
C GLY A 365 -3.72 11.03 -17.36
N ALA A 366 -4.53 10.55 -18.30
CA ALA A 366 -5.82 11.20 -18.56
C ALA A 366 -6.74 11.05 -17.35
N ALA A 367 -6.68 9.89 -16.67
CA ALA A 367 -7.49 9.69 -15.48
C ALA A 367 -7.11 10.69 -14.39
N ARG A 368 -5.82 11.03 -14.28
CA ARG A 368 -5.40 12.03 -13.30
C ARG A 368 -5.95 13.42 -13.62
N ARG A 369 -6.28 13.69 -14.89
CA ARG A 369 -6.83 15.00 -15.22
C ARG A 369 -8.35 15.06 -15.11
N LEU A 370 -9.01 13.98 -14.71
CA LEU A 370 -10.46 14.01 -14.50
C LEU A 370 -10.82 14.91 -13.33
N ASN A 371 -11.97 15.57 -13.43
CA ASN A 371 -12.46 16.31 -12.27
C ASN A 371 -13.34 15.43 -11.42
N THR A 372 -13.49 15.82 -10.15
CA THR A 372 -14.37 15.13 -9.22
C THR A 372 -15.28 16.14 -8.54
N LYS A 373 -16.30 15.60 -7.89
CA LYS A 373 -17.26 16.40 -7.13
C LYS A 373 -17.61 15.60 -5.89
N LEU A 374 -17.64 16.27 -4.73
CA LEU A 374 -17.94 15.62 -3.47
C LEU A 374 -19.45 15.56 -3.25
N GLY A 375 -19.93 14.40 -2.81
CA GLY A 375 -21.32 14.19 -2.52
C GLY A 375 -21.60 14.09 -1.03
N VAL A 376 -22.75 13.52 -0.71
CA VAL A 376 -23.13 13.31 0.69
C VAL A 376 -23.41 11.84 0.93
#